data_3GP4
#
_entry.id   3GP4
#
_cell.length_a   80.647
_cell.length_b   80.647
_cell.length_c   127.126
_cell.angle_alpha   90.000
_cell.angle_beta   90.000
_cell.angle_gamma   120.000
#
_symmetry.space_group_name_H-M   'P 63'
#
loop_
_entity.id
_entity.type
_entity.pdbx_description
1 polymer 'Transcriptional regulator, MerR family'
2 non-polymer GLYCEROL
3 non-polymer 'SODIUM ION'
4 non-polymer D-METHIONINE
5 water water
#
_entity_poly.entity_id   1
_entity_poly.type   'polypeptide(L)'
_entity_poly.pdbx_seq_one_letter_code
;MSLNIKEASEKSGVSADTIRYYERIGLIPPIHRNESGVRKFGAEDLRWILFTRQMRRAGLSIEALIDYLALFREGEHTLE
ARAELLKKQRIELKNRIDVMQEALDRLDFKIDNYDTHLIPAQEELKDFNVERSNEGHHHHHH
;
_entity_poly.pdbx_strand_id   A,B
#
loop_
_chem_comp.id
_chem_comp.type
_chem_comp.name
_chem_comp.formula
GOL non-polymer GLYCEROL 'C3 H8 O3'
NA non-polymer 'SODIUM ION' 'Na 1'
#
# COMPACT_ATOMS: atom_id res chain seq x y z
N SER A 2 -2.15 -10.76 -33.63
CA SER A 2 -2.54 -11.75 -32.59
C SER A 2 -1.36 -12.12 -31.75
N LEU A 3 -1.59 -12.19 -30.46
CA LEU A 3 -0.70 -12.90 -29.55
C LEU A 3 -1.49 -14.05 -28.94
N ASN A 4 -0.79 -15.15 -28.66
CA ASN A 4 -1.36 -16.16 -27.79
C ASN A 4 -1.15 -15.78 -26.32
N ILE A 5 -1.66 -16.64 -25.42
CA ILE A 5 -1.66 -16.32 -23.99
C ILE A 5 -0.24 -16.26 -23.41
N LYS A 6 0.64 -17.16 -23.85
CA LYS A 6 2.04 -17.12 -23.45
C LYS A 6 2.70 -15.78 -23.85
N GLU A 7 2.47 -15.37 -25.10
CA GLU A 7 2.97 -14.09 -25.57
C GLU A 7 2.36 -12.93 -24.78
N ALA A 8 1.04 -12.96 -24.59
CA ALA A 8 0.35 -11.91 -23.85
C ALA A 8 0.83 -11.81 -22.38
N SER A 9 1.07 -12.95 -21.74
CA SER A 9 1.63 -13.00 -20.38
C SER A 9 3.03 -12.34 -20.31
N GLU A 10 3.90 -12.71 -21.25
CA GLU A 10 5.25 -12.14 -21.34
C GLU A 10 5.25 -10.63 -21.56
N LYS A 11 4.41 -10.18 -22.50
CA LYS A 11 4.34 -8.79 -22.88
C LYS A 11 3.69 -7.92 -21.78
N SER A 12 2.75 -8.51 -21.05
CA SER A 12 2.00 -7.79 -20.04
C SER A 12 2.62 -7.85 -18.63
N GLY A 13 3.51 -8.80 -18.38
CA GLY A 13 4.08 -8.98 -17.04
C GLY A 13 3.09 -9.56 -16.04
N VAL A 14 2.01 -10.16 -16.56
CA VAL A 14 0.97 -10.77 -15.76
C VAL A 14 0.94 -12.27 -16.10
N SER A 15 0.86 -13.15 -15.10
CA SER A 15 0.78 -14.61 -15.30
C SER A 15 -0.39 -15.03 -16.20
N ALA A 16 -0.23 -16.09 -16.98
CA ALA A 16 -1.32 -16.59 -17.83
C ALA A 16 -2.54 -16.97 -17.01
N ASP A 17 -2.37 -17.68 -15.89
CA ASP A 17 -3.57 -17.93 -15.05
C ASP A 17 -4.23 -16.67 -14.49
N THR A 18 -3.45 -15.61 -14.26
CA THR A 18 -4.06 -14.32 -13.80
C THR A 18 -4.87 -13.69 -14.93
N ILE A 19 -4.34 -13.79 -16.15
CA ILE A 19 -5.09 -13.34 -17.31
C ILE A 19 -6.43 -14.10 -17.44
N ARG A 20 -6.39 -15.43 -17.36
CA ARG A 20 -7.62 -16.25 -17.48
C ARG A 20 -8.63 -15.84 -16.40
N TYR A 21 -8.13 -15.63 -15.18
CA TYR A 21 -8.97 -15.18 -14.07
C TYR A 21 -9.62 -13.79 -14.32
N TYR A 22 -8.83 -12.83 -14.78
CA TYR A 22 -9.36 -11.50 -15.17
C TYR A 22 -10.49 -11.63 -16.18
N GLU A 23 -10.33 -12.49 -17.18
CA GLU A 23 -11.40 -12.62 -18.19
C GLU A 23 -12.63 -13.30 -17.57
N ARG A 24 -12.39 -14.39 -16.85
CA ARG A 24 -13.46 -15.19 -16.27
C ARG A 24 -14.34 -14.35 -15.36
N ILE A 25 -13.77 -13.49 -14.54
CA ILE A 25 -14.62 -12.76 -13.59
C ILE A 25 -15.06 -11.36 -14.06
N GLY A 26 -14.65 -11.01 -15.27
CA GLY A 26 -15.05 -9.77 -15.90
C GLY A 26 -14.25 -8.54 -15.55
N LEU A 27 -12.96 -8.72 -15.29
CA LEU A 27 -12.07 -7.57 -15.12
C LEU A 27 -11.57 -7.02 -16.44
N ILE A 28 -11.46 -7.91 -17.43
CA ILE A 28 -11.09 -7.51 -18.80
C ILE A 28 -12.14 -8.02 -19.77
N PRO A 29 -12.23 -7.39 -20.94
CA PRO A 29 -13.27 -7.83 -21.89
C PRO A 29 -13.03 -9.26 -22.41
N PRO A 30 -14.08 -9.98 -22.81
CA PRO A 30 -13.86 -11.34 -23.34
C PRO A 30 -12.87 -11.32 -24.51
N ILE A 31 -12.01 -12.32 -24.55
CA ILE A 31 -10.93 -12.36 -25.51
C ILE A 31 -11.42 -13.16 -26.72
N HIS A 32 -11.05 -12.69 -27.90
CA HIS A 32 -11.35 -13.42 -29.13
C HIS A 32 -10.68 -14.82 -29.11
N ARG A 33 -11.42 -15.81 -29.60
CA ARG A 33 -10.95 -17.17 -29.76
C ARG A 33 -10.70 -17.40 -31.25
N ASN A 34 -9.68 -18.18 -31.60
CA ASN A 34 -9.50 -18.50 -33.00
C ASN A 34 -10.23 -19.79 -33.34
N GLU A 35 -10.09 -20.22 -34.60
CA GLU A 35 -10.79 -21.39 -35.09
C GLU A 35 -10.46 -22.65 -34.26
N SER A 36 -9.26 -22.74 -33.69
CA SER A 36 -8.88 -23.83 -32.77
C SER A 36 -9.57 -23.75 -31.41
N GLY A 37 -10.11 -22.58 -31.08
CA GLY A 37 -10.69 -22.35 -29.77
C GLY A 37 -9.75 -21.68 -28.77
N VAL A 38 -8.48 -21.44 -29.16
CA VAL A 38 -7.53 -20.81 -28.23
C VAL A 38 -7.65 -19.28 -28.27
N ARG A 39 -7.26 -18.59 -27.20
CA ARG A 39 -7.34 -17.14 -27.17
C ARG A 39 -6.33 -16.48 -28.13
N LYS A 40 -6.76 -15.41 -28.78
CA LYS A 40 -5.88 -14.54 -29.53
C LYS A 40 -6.03 -13.11 -29.02
N PHE A 41 -4.91 -12.56 -28.57
CA PHE A 41 -4.91 -11.25 -27.94
C PHE A 41 -4.53 -10.19 -28.94
N GLY A 42 -5.22 -9.07 -28.84
CA GLY A 42 -4.90 -7.84 -29.57
C GLY A 42 -4.41 -6.74 -28.62
N ALA A 43 -4.10 -5.58 -29.18
CA ALA A 43 -3.65 -4.43 -28.37
C ALA A 43 -4.63 -3.98 -27.27
N GLU A 44 -5.94 -3.85 -27.55
CA GLU A 44 -6.83 -3.40 -26.49
CA GLU A 44 -6.92 -3.46 -26.57
C GLU A 44 -6.87 -4.42 -25.37
N ASP A 45 -6.75 -5.71 -25.66
CA ASP A 45 -6.69 -6.73 -24.59
C ASP A 45 -5.50 -6.42 -23.68
N LEU A 46 -4.33 -6.20 -24.26
CA LEU A 46 -3.12 -5.91 -23.45
C LEU A 46 -3.32 -4.63 -22.65
N ARG A 47 -3.93 -3.62 -23.24
CA ARG A 47 -4.18 -2.36 -22.52
C ARG A 47 -5.08 -2.61 -21.31
N TRP A 48 -6.09 -3.46 -21.49
CA TRP A 48 -6.96 -3.79 -20.32
C TRP A 48 -6.23 -4.62 -19.24
N ILE A 49 -5.38 -5.54 -19.65
CA ILE A 49 -4.64 -6.38 -18.68
C ILE A 49 -3.69 -5.50 -17.84
N LEU A 50 -3.05 -4.60 -18.54
CA LEU A 50 -2.08 -3.67 -17.93
C LEU A 50 -2.74 -2.68 -16.97
N PHE A 51 -3.84 -2.06 -17.40
CA PHE A 51 -4.65 -1.22 -16.50
C PHE A 51 -5.13 -1.97 -15.25
N THR A 52 -5.62 -3.21 -15.45
CA THR A 52 -6.16 -4.02 -14.35
C THR A 52 -5.08 -4.32 -13.32
N ARG A 53 -3.96 -4.83 -13.82
CA ARG A 53 -2.80 -5.11 -12.99
C ARG A 53 -2.40 -3.88 -12.16
N GLN A 54 -2.28 -2.73 -12.81
CA GLN A 54 -1.78 -1.51 -12.14
C GLN A 54 -2.76 -1.04 -11.09
N MET A 55 -4.05 -1.05 -11.47
CA MET A 55 -5.11 -0.67 -10.53
C MET A 55 -5.25 -1.61 -9.34
N ARG A 56 -5.20 -2.92 -9.58
CA ARG A 56 -5.27 -3.88 -8.48
C ARG A 56 -4.12 -3.72 -7.50
N ARG A 57 -2.92 -3.52 -8.06
CA ARG A 57 -1.70 -3.33 -7.28
C ARG A 57 -1.84 -2.09 -6.42
N ALA A 58 -2.51 -1.06 -6.93
CA ALA A 58 -2.82 0.16 -6.14
C ALA A 58 -4.01 0.04 -5.16
N GLY A 59 -4.66 -1.12 -5.14
CA GLY A 59 -5.73 -1.45 -4.19
C GLY A 59 -7.15 -1.08 -4.60
N LEU A 60 -7.35 -0.75 -5.89
CA LEU A 60 -8.73 -0.52 -6.33
C LEU A 60 -9.46 -1.82 -6.18
N SER A 61 -10.69 -1.76 -5.67
CA SER A 61 -11.42 -3.01 -5.44
C SER A 61 -11.77 -3.72 -6.73
N ILE A 62 -11.68 -5.05 -6.65
CA ILE A 62 -12.08 -5.96 -7.69
C ILE A 62 -13.53 -5.61 -8.09
N GLU A 63 -14.39 -5.31 -7.13
CA GLU A 63 -15.83 -5.03 -7.48
C GLU A 63 -15.96 -3.73 -8.28
N ALA A 64 -15.14 -2.72 -7.95
CA ALA A 64 -15.23 -1.44 -8.68
C ALA A 64 -14.77 -1.67 -10.12
N LEU A 65 -13.70 -2.44 -10.30
CA LEU A 65 -13.08 -2.63 -11.62
C LEU A 65 -14.02 -3.47 -12.51
N ILE A 66 -14.68 -4.45 -11.91
CA ILE A 66 -15.70 -5.26 -12.62
C ILE A 66 -16.84 -4.36 -13.09
N ASP A 67 -17.31 -3.47 -12.21
CA ASP A 67 -18.40 -2.50 -12.58
C ASP A 67 -17.99 -1.61 -13.73
N TYR A 68 -16.73 -1.15 -13.70
CA TYR A 68 -16.20 -0.24 -14.71
C TYR A 68 -16.18 -0.89 -16.08
N LEU A 69 -15.62 -2.11 -16.14
CA LEU A 69 -15.72 -2.88 -17.39
C LEU A 69 -17.18 -3.16 -17.83
N ALA A 70 -18.04 -3.59 -16.91
CA ALA A 70 -19.49 -3.75 -17.21
C ALA A 70 -20.13 -2.50 -17.84
N LEU A 71 -19.91 -1.33 -17.25
CA LEU A 71 -20.36 -0.05 -17.84
C LEU A 71 -19.81 0.16 -19.26
N PHE A 72 -18.49 0.02 -19.38
CA PHE A 72 -17.81 0.09 -20.67
C PHE A 72 -18.47 -0.81 -21.73
N ARG A 73 -18.78 -2.05 -21.37
CA ARG A 73 -19.37 -2.98 -22.33
C ARG A 73 -20.81 -2.60 -22.71
N GLU A 74 -21.52 -1.97 -21.78
CA GLU A 74 -22.90 -1.52 -22.02
C GLU A 74 -23.01 -0.39 -23.06
N GLY A 75 -21.97 0.41 -23.20
CA GLY A 75 -21.95 1.41 -24.25
C GLY A 75 -21.88 2.88 -23.85
N GLU A 76 -22.05 3.70 -24.86
CA GLU A 76 -21.79 5.12 -24.79
C GLU A 76 -22.62 5.82 -23.70
N HIS A 77 -23.81 5.32 -23.44
CA HIS A 77 -24.72 5.95 -22.49
C HIS A 77 -24.22 5.89 -21.03
N THR A 78 -23.11 5.22 -20.81
CA THR A 78 -22.62 5.00 -19.42
C THR A 78 -21.38 5.85 -19.15
N LEU A 79 -21.01 6.71 -20.11
CA LEU A 79 -19.80 7.51 -19.99
C LEU A 79 -19.72 8.34 -18.70
N GLU A 80 -20.80 9.06 -18.36
CA GLU A 80 -20.79 9.86 -17.13
C GLU A 80 -20.63 8.97 -15.87
N ALA A 81 -21.37 7.86 -15.83
CA ALA A 81 -21.29 6.91 -14.70
C ALA A 81 -19.88 6.34 -14.55
N ARG A 82 -19.24 6.05 -15.68
CA ARG A 82 -17.85 5.62 -15.62
C ARG A 82 -16.89 6.70 -15.04
N ALA A 83 -17.07 7.98 -15.38
CA ALA A 83 -16.22 9.04 -14.85
C ALA A 83 -16.46 9.18 -13.35
N GLU A 84 -17.71 9.09 -12.93
CA GLU A 84 -18.04 9.17 -11.49
C GLU A 84 -17.39 8.02 -10.69
N LEU A 85 -17.41 6.83 -11.29
CA LEU A 85 -16.79 5.64 -10.68
C LEU A 85 -15.30 5.85 -10.50
N LEU A 86 -14.59 6.24 -11.58
CA LEU A 86 -13.16 6.62 -11.49
C LEU A 86 -12.88 7.73 -10.45
N LYS A 87 -13.73 8.75 -10.39
CA LYS A 87 -13.55 9.86 -9.44
C LYS A 87 -13.63 9.38 -7.98
N LYS A 88 -14.57 8.48 -7.70
CA LYS A 88 -14.74 7.87 -6.34
C LYS A 88 -13.49 7.07 -5.97
N GLN A 89 -13.03 6.25 -6.91
CA GLN A 89 -11.80 5.44 -6.71
C GLN A 89 -10.57 6.32 -6.51
N ARG A 90 -10.54 7.44 -7.24
CA ARG A 90 -9.46 8.43 -7.14
C ARG A 90 -9.35 9.01 -5.73
N ILE A 91 -10.48 9.47 -5.21
CA ILE A 91 -10.54 10.00 -3.81
C ILE A 91 -9.96 8.97 -2.81
N GLU A 92 -10.43 7.72 -2.93
CA GLU A 92 -10.04 6.67 -1.99
C GLU A 92 -8.57 6.32 -2.12
N LEU A 93 -8.07 6.30 -3.35
CA LEU A 93 -6.64 6.05 -3.58
C LEU A 93 -5.81 7.22 -3.01
N LYS A 94 -6.25 8.45 -3.27
CA LYS A 94 -5.53 9.64 -2.74
C LYS A 94 -5.48 9.56 -1.22
N ASN A 95 -6.59 9.19 -0.60
CA ASN A 95 -6.62 9.03 0.86
C ASN A 95 -5.62 7.97 1.35
N ARG A 96 -5.56 6.81 0.67
CA ARG A 96 -4.56 5.75 0.99
C ARG A 96 -3.12 6.23 0.89
N ILE A 97 -2.81 6.95 -0.19
CA ILE A 97 -1.48 7.56 -0.36
C ILE A 97 -1.16 8.54 0.77
N ASP A 98 -2.14 9.36 1.13
CA ASP A 98 -1.86 10.38 2.14
C ASP A 98 -1.59 9.74 3.49
N VAL A 99 -2.29 8.65 3.80
CA VAL A 99 -2.01 7.87 5.00
C VAL A 99 -0.61 7.22 4.98
N MET A 100 -0.21 6.63 3.85
CA MET A 100 1.15 6.09 3.71
C MET A 100 2.16 7.20 3.89
N GLN A 101 1.89 8.37 3.32
CA GLN A 101 2.83 9.49 3.43
C GLN A 101 3.02 9.95 4.92
N GLU A 102 1.93 9.98 5.66
CA GLU A 102 2.00 10.17 7.12
C GLU A 102 2.98 9.22 7.79
N ALA A 103 2.85 7.93 7.49
CA ALA A 103 3.79 6.92 7.99
C ALA A 103 5.24 7.18 7.55
N LEU A 104 5.44 7.57 6.29
CA LEU A 104 6.78 7.86 5.84
C LEU A 104 7.36 9.06 6.61
N ASP A 105 6.55 10.07 6.85
CA ASP A 105 7.02 11.28 7.55
C ASP A 105 7.45 10.82 8.95
N ARG A 106 6.71 9.87 9.52
CA ARG A 106 7.02 9.36 10.84
C ARG A 106 8.38 8.62 10.91
N LEU A 107 8.65 7.71 9.95
CA LEU A 107 9.96 7.09 9.77
C LEU A 107 11.05 8.10 9.58
N ASP A 108 10.84 9.11 8.72
CA ASP A 108 11.88 10.17 8.56
C ASP A 108 12.23 10.90 9.88
N PHE A 109 11.20 11.22 10.64
CA PHE A 109 11.34 11.88 11.93
C PHE A 109 12.19 11.04 12.85
N LYS A 110 11.80 9.79 12.97
CA LYS A 110 12.55 8.84 13.81
C LYS A 110 13.98 8.64 13.32
N ILE A 111 14.18 8.57 12.01
CA ILE A 111 15.50 8.45 11.42
C ILE A 111 16.36 9.70 11.65
N ASP A 112 15.76 10.88 11.53
CA ASP A 112 16.48 12.13 11.84
C ASP A 112 16.90 12.20 13.29
N ASN A 113 16.02 11.76 14.20
CA ASN A 113 16.43 11.64 15.59
C ASN A 113 17.67 10.74 15.80
N TYR A 114 17.70 9.57 15.16
CA TYR A 114 18.89 8.70 15.23
C TYR A 114 20.16 9.37 14.68
N ASP A 115 20.10 9.85 13.45
CA ASP A 115 21.26 10.41 12.76
C ASP A 115 21.71 11.76 13.32
N THR A 116 20.78 12.54 13.87
CA THR A 116 21.07 13.94 14.29
C THR A 116 21.42 14.04 15.77
N HIS A 117 20.88 13.13 16.57
CA HIS A 117 20.88 13.30 18.00
C HIS A 117 21.51 12.11 18.65
N LEU A 118 20.88 10.95 18.53
CA LEU A 118 21.27 9.76 19.27
C LEU A 118 22.63 9.14 18.91
N ILE A 119 22.91 8.97 17.62
CA ILE A 119 24.18 8.42 17.18
C ILE A 119 25.35 9.41 17.40
N PRO A 120 25.23 10.68 16.94
CA PRO A 120 26.37 11.57 17.25
C PRO A 120 26.59 11.73 18.76
N ALA A 121 25.52 11.72 19.55
CA ALA A 121 25.67 11.71 21.01
C ALA A 121 26.55 10.52 21.48
N GLN A 122 26.25 9.32 21.00
N GLN A 122 26.25 9.32 20.98
CA GLN A 122 27.06 8.15 21.32
CA GLN A 122 27.04 8.13 21.31
C GLN A 122 28.52 8.32 20.86
C GLN A 122 28.50 8.27 20.84
N GLU A 123 28.70 8.82 19.65
CA GLU A 123 30.03 9.07 19.09
C GLU A 123 30.87 10.09 19.89
N GLU A 124 30.23 11.19 20.28
CA GLU A 124 30.85 12.18 21.16
C GLU A 124 31.34 11.61 22.51
N LEU A 125 30.54 10.76 23.14
CA LEU A 125 30.92 10.07 24.36
C LEU A 125 32.14 9.15 24.15
N LYS A 126 32.19 8.43 23.02
CA LYS A 126 33.32 7.54 22.73
C LYS A 126 34.61 8.35 22.57
N ASP A 127 34.50 9.52 21.94
CA ASP A 127 35.65 10.41 21.78
C ASP A 127 36.13 11.01 23.10
N PHE A 128 35.18 11.46 23.91
CA PHE A 128 35.48 11.99 25.21
C PHE A 128 36.32 10.96 25.96
N ASN A 129 35.89 9.71 25.90
CA ASN A 129 36.51 8.60 26.62
C ASN A 129 37.88 8.18 26.13
N VAL A 130 38.17 8.39 24.84
CA VAL A 130 39.53 8.19 24.32
C VAL A 130 40.46 9.38 24.66
N GLU A 131 39.92 10.60 24.55
CA GLU A 131 40.68 11.82 24.80
C GLU A 131 40.73 12.21 26.30
N ARG A 132 40.19 11.34 27.14
CA ARG A 132 40.35 11.41 28.59
C ARG A 132 41.20 10.22 29.05
N SER A 133 41.42 9.29 28.12
CA SER A 133 42.25 8.11 28.40
C SER A 133 43.49 8.14 27.51
N SER B 2 -2.89 4.27 34.87
CA SER B 2 -2.70 3.35 33.69
C SER B 2 -4.00 2.74 33.21
N LEU B 3 -3.95 2.10 32.05
CA LEU B 3 -5.19 1.60 31.41
C LEU B 3 -5.28 0.09 31.45
N ASN B 4 -6.49 -0.44 31.61
CA ASN B 4 -6.71 -1.87 31.39
C ASN B 4 -6.84 -2.10 29.88
N ILE B 5 -6.96 -3.35 29.46
CA ILE B 5 -6.92 -3.65 28.03
C ILE B 5 -8.14 -3.04 27.25
N LYS B 6 -9.30 -3.03 27.89
CA LYS B 6 -10.49 -2.54 27.21
C LYS B 6 -10.32 -1.05 26.97
N GLU B 7 -9.83 -0.34 27.99
CA GLU B 7 -9.50 1.09 27.88
C GLU B 7 -8.38 1.33 26.86
N ALA B 8 -7.39 0.43 26.81
CA ALA B 8 -6.29 0.58 25.86
C ALA B 8 -6.79 0.38 24.42
N SER B 9 -7.75 -0.54 24.25
CA SER B 9 -8.30 -0.83 22.94
C SER B 9 -9.10 0.37 22.46
N GLU B 10 -9.98 0.89 23.32
CA GLU B 10 -10.80 2.05 22.92
C GLU B 10 -9.95 3.26 22.59
N LYS B 11 -8.94 3.52 23.41
CA LYS B 11 -7.98 4.60 23.14
C LYS B 11 -7.15 4.48 21.84
N SER B 12 -6.65 3.27 21.55
CA SER B 12 -5.76 3.09 20.41
C SER B 12 -6.51 2.81 19.10
N GLY B 13 -7.80 2.52 19.22
CA GLY B 13 -8.58 2.05 18.06
C GLY B 13 -8.11 0.68 17.55
N VAL B 14 -7.39 -0.07 18.39
CA VAL B 14 -6.90 -1.41 18.06
C VAL B 14 -7.67 -2.38 18.93
N SER B 15 -8.13 -3.51 18.41
CA SER B 15 -8.98 -4.41 19.20
C SER B 15 -8.13 -5.02 20.32
N ALA B 16 -8.78 -5.33 21.44
CA ALA B 16 -8.11 -6.04 22.56
C ALA B 16 -7.37 -7.31 22.14
N ASP B 17 -7.97 -8.13 21.28
CA ASP B 17 -7.28 -9.34 20.83
C ASP B 17 -6.07 -9.03 19.95
N THR B 18 -6.12 -7.92 19.21
CA THR B 18 -4.96 -7.52 18.39
C THR B 18 -3.83 -7.11 19.30
N ILE B 19 -4.18 -6.44 20.37
CA ILE B 19 -3.20 -5.98 21.39
C ILE B 19 -2.57 -7.21 22.06
N ARG B 20 -3.39 -8.20 22.40
CA ARG B 20 -2.90 -9.48 22.98
C ARG B 20 -1.91 -10.13 22.03
N TYR B 21 -2.25 -10.14 20.74
CA TYR B 21 -1.42 -10.71 19.70
C TYR B 21 -0.10 -9.96 19.55
N TYR B 22 -0.19 -8.61 19.50
CA TYR B 22 1.02 -7.75 19.40
C TYR B 22 1.97 -8.10 20.52
N GLU B 23 1.45 -8.20 21.74
CA GLU B 23 2.36 -8.54 22.87
C GLU B 23 2.93 -9.95 22.74
N ARG B 24 2.07 -10.92 22.41
CA ARG B 24 2.49 -12.32 22.38
C ARG B 24 3.65 -12.53 21.38
N ILE B 25 3.57 -11.92 20.22
CA ILE B 25 4.58 -12.21 19.21
C ILE B 25 5.76 -11.21 19.17
N GLY B 26 5.70 -10.20 20.04
CA GLY B 26 6.83 -9.25 20.25
C GLY B 26 6.85 -8.07 19.32
N LEU B 27 5.65 -7.58 18.97
CA LEU B 27 5.44 -6.30 18.28
C LEU B 27 5.41 -5.11 19.24
N ILE B 28 4.99 -5.37 20.47
CA ILE B 28 4.99 -4.34 21.54
C ILE B 28 5.68 -4.96 22.77
N PRO B 29 6.27 -4.12 23.62
CA PRO B 29 7.01 -4.64 24.77
C PRO B 29 6.08 -5.44 25.69
N PRO B 30 6.65 -6.30 26.56
CA PRO B 30 5.85 -6.98 27.56
C PRO B 30 5.15 -5.96 28.44
N ILE B 31 3.89 -6.22 28.72
CA ILE B 31 3.02 -5.35 29.49
C ILE B 31 3.00 -5.81 30.93
N HIS B 32 2.99 -4.86 31.87
CA HIS B 32 2.87 -5.19 33.30
C HIS B 32 1.57 -5.90 33.59
N ARG B 33 1.64 -6.88 34.52
CA ARG B 33 0.47 -7.60 35.02
C ARG B 33 0.30 -7.16 36.47
N ASN B 34 -0.90 -6.75 36.87
CA ASN B 34 -1.12 -6.31 38.30
C ASN B 34 -1.23 -7.53 39.21
N GLU B 35 -1.48 -7.31 40.52
CA GLU B 35 -1.59 -8.40 41.50
C GLU B 35 -2.55 -9.51 41.13
N SER B 36 -3.66 -9.12 40.48
CA SER B 36 -4.74 -10.01 40.10
C SER B 36 -4.45 -10.75 38.79
N GLY B 37 -3.41 -10.35 38.07
CA GLY B 37 -2.94 -11.09 36.90
C GLY B 37 -3.21 -10.35 35.60
N VAL B 38 -3.87 -9.20 35.71
CA VAL B 38 -4.38 -8.41 34.58
C VAL B 38 -3.38 -7.39 34.00
N ARG B 39 -3.42 -7.20 32.67
CA ARG B 39 -2.57 -6.20 32.02
C ARG B 39 -2.92 -4.76 32.38
N LYS B 40 -1.86 -3.99 32.65
CA LYS B 40 -2.00 -2.56 32.91
C LYS B 40 -1.05 -1.77 32.00
N PHE B 41 -1.61 -0.89 31.18
CA PHE B 41 -0.87 -0.29 30.04
C PHE B 41 -0.49 1.14 30.38
N GLY B 42 0.80 1.45 30.26
CA GLY B 42 1.25 2.83 30.51
C GLY B 42 1.36 3.61 29.22
N ALA B 43 1.82 4.87 29.29
CA ALA B 43 1.92 5.72 28.08
C ALA B 43 2.82 5.14 26.97
N GLU B 44 4.01 4.65 27.32
CA GLU B 44 4.89 4.07 26.32
C GLU B 44 4.27 2.82 25.66
N ASP B 45 3.58 1.99 26.43
CA ASP B 45 2.81 0.88 25.81
C ASP B 45 1.82 1.37 24.73
N LEU B 46 1.05 2.41 25.04
CA LEU B 46 0.12 2.96 24.04
C LEU B 46 0.85 3.48 22.81
N ARG B 47 2.00 4.10 23.02
CA ARG B 47 2.78 4.63 21.91
C ARG B 47 3.25 3.49 20.99
N TRP B 48 3.72 2.37 21.57
CA TRP B 48 4.13 1.17 20.78
C TRP B 48 2.96 0.56 19.99
N ILE B 49 1.79 0.52 20.63
CA ILE B 49 0.57 0.03 19.99
C ILE B 49 0.22 0.89 18.75
N LEU B 50 0.23 2.20 18.93
CA LEU B 50 -0.07 3.17 17.85
C LEU B 50 0.95 3.11 16.71
N PHE B 51 2.23 3.04 17.08
CA PHE B 51 3.30 2.88 16.08
C PHE B 51 3.12 1.59 15.28
N THR B 52 2.81 0.48 15.95
CA THR B 52 2.60 -0.80 15.28
C THR B 52 1.42 -0.76 14.30
N ARG B 53 0.29 -0.27 14.80
CA ARG B 53 -0.94 -0.09 14.00
C ARG B 53 -0.60 0.71 12.75
N GLN B 54 0.03 1.86 12.94
CA GLN B 54 0.40 2.76 11.82
C GLN B 54 1.35 2.14 10.81
N MET B 55 2.42 1.51 11.29
CA MET B 55 3.39 0.88 10.37
C MET B 55 2.84 -0.34 9.64
N ARG B 56 2.04 -1.15 10.33
CA ARG B 56 1.38 -2.31 9.68
C ARG B 56 0.43 -1.84 8.57
N ARG B 57 -0.31 -0.78 8.86
CA ARG B 57 -1.25 -0.27 7.84
C ARG B 57 -0.51 0.34 6.68
N ALA B 58 0.70 0.88 6.93
CA ALA B 58 1.62 1.31 5.86
C ALA B 58 2.41 0.18 5.15
N GLY B 59 2.20 -1.07 5.55
CA GLY B 59 2.79 -2.20 4.84
C GLY B 59 4.10 -2.73 5.38
N LEU B 60 4.57 -2.22 6.53
CA LEU B 60 5.78 -2.81 7.11
C LEU B 60 5.35 -4.16 7.68
N SER B 61 6.16 -5.18 7.38
CA SER B 61 5.92 -6.55 7.83
C SER B 61 6.06 -6.72 9.35
N ILE B 62 5.35 -7.72 9.88
CA ILE B 62 5.45 -8.04 11.33
C ILE B 62 6.91 -8.34 11.67
N GLU B 63 7.61 -9.01 10.75
CA GLU B 63 8.99 -9.51 11.02
C GLU B 63 9.96 -8.32 11.17
N ALA B 64 9.81 -7.29 10.32
CA ALA B 64 10.68 -6.09 10.50
C ALA B 64 10.40 -5.35 11.80
N LEU B 65 9.12 -5.25 12.16
CA LEU B 65 8.71 -4.50 13.33
C LEU B 65 9.12 -5.26 14.60
N ILE B 66 8.97 -6.58 14.55
CA ILE B 66 9.48 -7.47 15.63
C ILE B 66 11.00 -7.22 15.81
N ASP B 67 11.77 -7.24 14.72
CA ASP B 67 13.25 -6.98 14.77
C ASP B 67 13.57 -5.62 15.38
N TYR B 68 12.82 -4.59 14.99
CA TYR B 68 13.07 -3.25 15.52
C TYR B 68 12.83 -3.13 17.02
N LEU B 69 11.73 -3.70 17.51
CA LEU B 69 11.50 -3.66 18.96
C LEU B 69 12.59 -4.49 19.69
N ALA B 70 12.93 -5.65 19.15
CA ALA B 70 13.98 -6.49 19.75
C ALA B 70 15.33 -5.75 19.84
N LEU B 71 15.71 -5.00 18.80
CA LEU B 71 16.92 -4.15 18.87
C LEU B 71 16.75 -3.03 19.91
N PHE B 72 15.57 -2.44 19.96
CA PHE B 72 15.30 -1.35 20.89
C PHE B 72 15.51 -1.82 22.33
N ARG B 73 14.99 -3.02 22.63
CA ARG B 73 15.09 -3.59 23.98
C ARG B 73 16.51 -4.00 24.33
N GLU B 74 17.34 -4.26 23.33
CA GLU B 74 18.76 -4.53 23.55
C GLU B 74 19.54 -3.29 24.03
N GLY B 75 18.98 -2.11 23.80
CA GLY B 75 19.53 -0.83 24.26
C GLY B 75 20.47 -0.10 23.32
N GLU B 76 21.32 0.77 23.87
CA GLU B 76 22.11 1.69 23.05
C GLU B 76 23.09 1.07 22.03
N HIS B 77 23.52 -0.17 22.26
CA HIS B 77 24.54 -0.74 21.35
C HIS B 77 23.95 -1.05 19.96
N THR B 78 22.62 -1.06 19.87
CA THR B 78 21.90 -1.28 18.57
C THR B 78 21.39 0.01 17.85
N LEU B 79 21.76 1.20 18.35
CA LEU B 79 21.29 2.43 17.70
C LEU B 79 21.56 2.48 16.18
N GLU B 80 22.80 2.18 15.78
CA GLU B 80 23.14 2.16 14.37
C GLU B 80 22.38 1.10 13.56
N ALA B 81 22.21 -0.10 14.12
CA ALA B 81 21.42 -1.12 13.38
C ALA B 81 19.96 -0.73 13.27
N ARG B 82 19.46 -0.02 14.27
CA ARG B 82 18.05 0.46 14.19
C ARG B 82 17.83 1.56 13.13
N ALA B 83 18.75 2.51 13.04
CA ALA B 83 18.70 3.57 12.03
C ALA B 83 18.74 2.94 10.64
N GLU B 84 19.60 1.94 10.48
CA GLU B 84 19.70 1.22 9.23
C GLU B 84 18.44 0.44 8.86
N LEU B 85 17.88 -0.26 9.85
CA LEU B 85 16.64 -0.98 9.61
C LEU B 85 15.55 -0.01 9.15
N LEU B 86 15.37 1.10 9.88
CA LEU B 86 14.34 2.08 9.51
C LEU B 86 14.59 2.72 8.16
N LYS B 87 15.86 2.98 7.85
CA LYS B 87 16.19 3.54 6.53
C LYS B 87 15.83 2.56 5.40
N LYS B 88 16.05 1.25 5.62
CA LYS B 88 15.63 0.25 4.62
C LYS B 88 14.09 0.22 4.45
N GLN B 89 13.39 0.26 5.58
CA GLN B 89 11.91 0.28 5.56
C GLN B 89 11.39 1.54 4.86
N ARG B 90 12.06 2.67 5.11
CA ARG B 90 11.74 3.96 4.48
C ARG B 90 11.77 3.87 2.94
N ILE B 91 12.89 3.35 2.42
CA ILE B 91 13.07 3.20 0.96
C ILE B 91 11.98 2.27 0.38
N GLU B 92 11.74 1.17 1.08
CA GLU B 92 10.66 0.28 0.65
C GLU B 92 9.30 0.95 0.64
N LEU B 93 9.01 1.73 1.67
CA LEU B 93 7.74 2.42 1.78
C LEU B 93 7.57 3.49 0.70
N LYS B 94 8.61 4.31 0.52
CA LYS B 94 8.66 5.35 -0.52
C LYS B 94 8.46 4.72 -1.91
N ASN B 95 9.09 3.57 -2.14
CA ASN B 95 8.85 2.84 -3.40
C ASN B 95 7.39 2.46 -3.57
N ARG B 96 6.76 1.97 -2.50
CA ARG B 96 5.29 1.66 -2.53
C ARG B 96 4.44 2.89 -2.79
N ILE B 97 4.80 4.00 -2.13
CA ILE B 97 4.17 5.28 -2.36
C ILE B 97 4.30 5.68 -3.84
N ASP B 98 5.50 5.55 -4.39
CA ASP B 98 5.78 5.94 -5.79
C ASP B 98 4.93 5.14 -6.77
N VAL B 99 4.79 3.84 -6.49
CA VAL B 99 3.96 2.94 -7.27
C VAL B 99 2.50 3.42 -7.28
N MET B 100 1.95 3.64 -6.09
CA MET B 100 0.59 4.12 -5.89
C MET B 100 0.37 5.48 -6.58
N GLN B 101 1.36 6.36 -6.52
CA GLN B 101 1.23 7.67 -7.14
C GLN B 101 1.20 7.58 -8.68
N GLU B 102 1.99 6.69 -9.24
CA GLU B 102 1.91 6.43 -10.66
C GLU B 102 0.51 5.98 -11.09
N ALA B 103 -0.13 5.13 -10.29
CA ALA B 103 -1.53 4.73 -10.54
C ALA B 103 -2.54 5.89 -10.41
N LEU B 104 -2.33 6.75 -9.41
CA LEU B 104 -3.19 7.91 -9.20
C LEU B 104 -3.04 8.84 -10.41
N ASP B 105 -1.80 9.05 -10.87
CA ASP B 105 -1.53 9.85 -12.09
C ASP B 105 -2.24 9.22 -13.31
N ARG B 106 -2.20 7.90 -13.42
CA ARG B 106 -2.92 7.21 -14.52
C ARG B 106 -4.44 7.42 -14.44
N LEU B 107 -5.01 7.26 -13.25
CA LEU B 107 -6.41 7.54 -12.99
C LEU B 107 -6.80 8.98 -13.32
N ASP B 108 -5.96 9.95 -12.93
CA ASP B 108 -6.17 11.36 -13.25
C ASP B 108 -6.20 11.64 -14.76
N PHE B 109 -5.30 10.99 -15.49
CA PHE B 109 -5.27 11.09 -16.96
C PHE B 109 -6.57 10.56 -17.57
N LYS B 110 -6.99 9.38 -17.12
CA LYS B 110 -8.25 8.78 -17.63
C LYS B 110 -9.44 9.68 -17.30
N ILE B 111 -9.48 10.22 -16.08
CA ILE B 111 -10.57 11.08 -15.66
C ILE B 111 -10.63 12.40 -16.45
N ASP B 112 -9.47 13.05 -16.61
CA ASP B 112 -9.39 14.19 -17.54
C ASP B 112 -9.91 13.83 -18.94
N ASN B 113 -9.57 12.65 -19.44
CA ASN B 113 -10.04 12.21 -20.76
CA ASN B 113 -10.06 12.21 -20.76
C ASN B 113 -11.57 12.15 -20.84
N TYR B 114 -12.20 11.56 -19.81
CA TYR B 114 -13.67 11.56 -19.73
C TYR B 114 -14.19 13.00 -19.67
N ASP B 115 -13.63 13.81 -18.78
CA ASP B 115 -14.18 15.14 -18.52
C ASP B 115 -14.03 16.07 -19.73
N THR B 116 -12.86 16.03 -20.35
CA THR B 116 -12.49 17.00 -21.39
C THR B 116 -12.95 16.53 -22.78
N HIS B 117 -12.79 15.25 -23.04
CA HIS B 117 -13.01 14.71 -24.39
C HIS B 117 -14.23 13.79 -24.54
N LEU B 118 -14.30 12.75 -23.74
CA LEU B 118 -15.27 11.68 -24.00
C LEU B 118 -16.72 12.07 -23.74
N ILE B 119 -16.94 12.69 -22.59
CA ILE B 119 -18.30 13.08 -22.22
C ILE B 119 -18.83 14.17 -23.15
N PRO B 120 -18.03 15.25 -23.42
CA PRO B 120 -18.60 16.25 -24.36
C PRO B 120 -18.89 15.66 -25.76
N ALA B 121 -18.00 14.82 -26.28
CA ALA B 121 -18.24 14.20 -27.59
C ALA B 121 -19.26 13.07 -27.58
N GLN B 122 -19.55 12.54 -26.39
CA GLN B 122 -20.35 11.32 -26.26
C GLN B 122 -19.76 10.24 -27.17
N GLU B 123 -18.47 9.98 -26.98
CA GLU B 123 -17.72 8.96 -27.73
C GLU B 123 -16.81 8.17 -26.81
N GLU B 124 -16.60 6.89 -27.13
CA GLU B 124 -15.60 6.04 -26.46
C GLU B 124 -14.18 6.49 -26.89
N LEU B 125 -13.16 6.14 -26.11
CA LEU B 125 -11.81 6.64 -26.45
C LEU B 125 -11.37 6.22 -27.87
N LYS B 126 -11.67 4.97 -28.24
CA LYS B 126 -11.39 4.46 -29.59
C LYS B 126 -11.98 5.41 -30.64
N ASP B 127 -13.32 5.54 -30.63
CA ASP B 127 -14.10 6.51 -31.40
C ASP B 127 -13.36 7.82 -31.52
N PHE B 128 -13.14 8.44 -30.36
CA PHE B 128 -12.57 9.78 -30.26
C PHE B 128 -11.18 9.89 -30.88
N ASN B 129 -10.32 8.93 -30.60
CA ASN B 129 -8.94 8.95 -31.10
C ASN B 129 -8.89 9.08 -32.62
N VAL B 130 -9.69 8.26 -33.32
CA VAL B 130 -9.76 8.31 -34.79
C VAL B 130 -10.26 9.68 -35.31
N GLU B 131 -11.55 9.96 -35.13
CA GLU B 131 -12.21 11.14 -35.71
C GLU B 131 -11.74 11.39 -37.14
C1 GOL C . -5.18 -8.69 -9.76
O1 GOL C . -3.82 -8.63 -10.14
C2 GOL C . -5.47 -9.65 -8.63
O2 GOL C . -5.24 -11.00 -9.02
C3 GOL C . -6.96 -9.55 -8.36
O3 GOL C . -7.22 -10.19 -7.13
C1 GOL D . -4.61 -12.23 31.11
O1 GOL D . -5.00 -11.17 31.96
C2 GOL D . -3.16 -12.75 31.26
O2 GOL D . -2.33 -12.12 32.21
C3 GOL D . -2.51 -13.10 29.94
O3 GOL D . -1.13 -13.32 30.06
NA NA E . -6.36 2.90 35.88
N MED F . 12.82 3.81 19.30
CA MED F . 12.12 5.08 19.23
C MED F . 13.03 6.18 18.74
O MED F . 14.24 6.14 19.09
CB MED F . 10.82 4.87 18.43
CG MED F . 9.61 5.06 19.34
SD MED F . 8.22 4.11 18.78
CE MED F . 7.07 3.92 20.10
OXT MED F . 12.58 7.13 18.04
#